data_4HWC
#
_entry.id   4HWC
#
_cell.length_a   56.716
_cell.length_b   96.847
_cell.length_c   103.008
_cell.angle_alpha   90.00
_cell.angle_beta   90.00
_cell.angle_gamma   90.00
#
_symmetry.space_group_name_H-M   'P 21 21 21'
#
loop_
_entity.id
_entity.type
_entity.pdbx_description
1 polymer 'BAG family molecular chaperone regulator 1'
2 non-polymer 'CHLORIDE ION'
3 water water
#
_entity_poly.entity_id   1
_entity_poly.type   'polypeptide(L)'
_entity_poly.pdbx_seq_one_letter_code
;GPGSASKAISDISLEVDRLGGRVSAFEMVTKKGGKIAEKDLVTVIELLMNELIKLDAIVAEGDVKLQRKMQVKRVQNYVE
TLDALKVKN
;
_entity_poly.pdbx_strand_id   A,B,C,D,E,F
#
loop_
_chem_comp.id
_chem_comp.type
_chem_comp.name
_chem_comp.formula
CL non-polymer 'CHLORIDE ION' 'Cl -1'
#
# COMPACT_ATOMS: atom_id res chain seq x y z
N SER A 4 -41.12 -18.88 19.77
CA SER A 4 -40.65 -18.28 21.01
C SER A 4 -39.38 -17.48 20.78
N ALA A 5 -39.55 -16.23 20.35
CA ALA A 5 -38.38 -15.33 20.10
C ALA A 5 -37.23 -15.36 21.13
N SER A 6 -37.52 -14.91 22.34
CA SER A 6 -36.55 -14.90 23.41
C SER A 6 -35.74 -16.20 23.45
N LYS A 7 -36.42 -17.34 23.31
CA LYS A 7 -35.77 -18.64 23.34
C LYS A 7 -34.91 -18.91 22.10
N ALA A 8 -35.46 -18.66 20.93
CA ALA A 8 -34.76 -18.88 19.67
C ALA A 8 -33.51 -18.01 19.54
N ILE A 9 -33.48 -16.90 20.28
CA ILE A 9 -32.35 -16.00 20.25
C ILE A 9 -31.30 -16.48 21.25
N SER A 10 -31.74 -16.90 22.42
CA SER A 10 -30.83 -17.40 23.44
C SER A 10 -30.11 -18.62 22.90
N ASP A 11 -30.72 -19.24 21.89
CA ASP A 11 -30.16 -20.42 21.24
C ASP A 11 -29.03 -20.02 20.29
N ILE A 12 -29.28 -19.00 19.48
CA ILE A 12 -28.29 -18.48 18.56
C ILE A 12 -27.15 -17.95 19.43
N SER A 13 -27.55 -17.42 20.59
CA SER A 13 -26.61 -16.86 21.54
C SER A 13 -25.61 -17.90 22.02
N LEU A 14 -26.07 -19.13 22.20
CA LEU A 14 -25.20 -20.21 22.64
C LEU A 14 -24.16 -20.54 21.57
N GLU A 15 -24.59 -20.49 20.31
CA GLU A 15 -23.66 -20.76 19.21
C GLU A 15 -22.70 -19.59 19.05
N VAL A 16 -23.18 -18.38 19.29
CA VAL A 16 -22.31 -17.22 19.20
C VAL A 16 -21.28 -17.31 20.33
N ASP A 17 -21.68 -17.85 21.48
CA ASP A 17 -20.74 -18.00 22.60
C ASP A 17 -19.58 -18.91 22.16
N ARG A 18 -19.93 -20.00 21.51
CA ARG A 18 -18.93 -20.96 21.06
C ARG A 18 -18.06 -20.38 19.96
N LEU A 19 -18.66 -19.65 19.02
CA LEU A 19 -17.88 -19.06 17.94
C LEU A 19 -16.97 -17.98 18.51
N GLY A 20 -17.42 -17.33 19.58
CA GLY A 20 -16.63 -16.29 20.23
C GLY A 20 -15.42 -16.93 20.90
N GLY A 21 -15.59 -18.17 21.35
CA GLY A 21 -14.49 -18.88 21.98
C GLY A 21 -13.42 -19.14 20.94
N ARG A 22 -13.86 -19.44 19.72
CA ARG A 22 -12.91 -19.68 18.63
C ARG A 22 -12.18 -18.40 18.28
N VAL A 23 -12.88 -17.28 18.34
CA VAL A 23 -12.26 -15.99 18.05
C VAL A 23 -11.17 -15.77 19.09
N SER A 24 -11.51 -16.00 20.36
CA SER A 24 -10.56 -15.84 21.45
C SER A 24 -9.35 -16.75 21.25
N ALA A 25 -9.58 -17.97 20.77
CA ALA A 25 -8.47 -18.90 20.54
C ALA A 25 -7.55 -18.37 19.46
N PHE A 26 -8.13 -17.83 18.38
CA PHE A 26 -7.36 -17.27 17.27
C PHE A 26 -6.52 -16.10 17.76
N GLU A 27 -7.11 -15.28 18.63
CA GLU A 27 -6.38 -14.15 19.15
C GLU A 27 -5.17 -14.58 19.97
N MET A 28 -5.34 -15.59 20.82
CA MET A 28 -4.25 -16.09 21.65
C MET A 28 -3.12 -16.67 20.81
N VAL A 29 -3.48 -17.46 19.81
CA VAL A 29 -2.49 -18.04 18.90
C VAL A 29 -1.65 -16.90 18.32
N THR A 30 -2.32 -15.87 17.81
CA THR A 30 -1.64 -14.72 17.23
C THR A 30 -0.76 -14.01 18.24
N LYS A 31 -1.29 -13.77 19.44
CA LYS A 31 -0.57 -13.10 20.51
C LYS A 31 0.71 -13.83 20.89
N LYS A 32 0.66 -15.16 20.82
CA LYS A 32 1.81 -16.01 21.16
C LYS A 32 2.69 -16.37 19.97
N GLY A 33 2.68 -15.52 18.95
CA GLY A 33 3.51 -15.72 17.77
C GLY A 33 3.15 -16.83 16.81
N GLY A 34 1.98 -17.44 16.98
CA GLY A 34 1.58 -18.51 16.09
C GLY A 34 0.84 -18.02 14.86
N LYS A 35 0.61 -18.91 13.91
CA LYS A 35 -0.09 -18.53 12.68
C LYS A 35 -1.44 -19.22 12.56
N ILE A 36 -2.42 -18.49 12.06
CA ILE A 36 -3.76 -19.04 11.87
C ILE A 36 -3.95 -19.33 10.39
N ALA A 37 -4.43 -20.53 10.08
CA ALA A 37 -4.67 -20.90 8.70
C ALA A 37 -5.81 -20.03 8.17
N GLU A 38 -5.62 -19.43 7.00
CA GLU A 38 -6.63 -18.58 6.41
C GLU A 38 -7.95 -19.33 6.30
N LYS A 39 -7.85 -20.63 6.01
CA LYS A 39 -9.01 -21.49 5.88
C LYS A 39 -9.86 -21.51 7.14
N ASP A 40 -9.20 -21.48 8.29
CA ASP A 40 -9.92 -21.49 9.55
C ASP A 40 -10.59 -20.15 9.82
N LEU A 41 -9.93 -19.06 9.45
CA LEU A 41 -10.50 -17.73 9.65
C LEU A 41 -11.76 -17.58 8.81
N VAL A 42 -11.72 -18.07 7.58
CA VAL A 42 -12.89 -18.00 6.70
C VAL A 42 -14.02 -18.88 7.19
N THR A 43 -13.67 -20.05 7.72
CA THR A 43 -14.68 -20.97 8.23
C THR A 43 -15.49 -20.31 9.34
N VAL A 44 -14.80 -19.73 10.31
CA VAL A 44 -15.45 -19.08 11.44
C VAL A 44 -16.22 -17.82 11.03
N ILE A 45 -15.64 -17.01 10.16
CA ILE A 45 -16.32 -15.80 9.71
C ILE A 45 -17.62 -16.25 9.06
N GLU A 46 -17.53 -17.27 8.24
CA GLU A 46 -18.74 -17.72 7.59
C GLU A 46 -19.78 -18.36 8.50
N LEU A 47 -19.35 -19.01 9.57
CA LEU A 47 -20.31 -19.58 10.52
C LEU A 47 -21.00 -18.41 11.23
N LEU A 48 -20.28 -17.33 11.47
CA LEU A 48 -20.85 -16.14 12.12
C LEU A 48 -21.85 -15.46 11.21
N MET A 49 -21.55 -15.42 9.91
CA MET A 49 -22.48 -14.80 8.97
C MET A 49 -23.79 -15.57 8.89
N ASN A 50 -23.70 -16.89 9.08
CA ASN A 50 -24.89 -17.74 9.07
C ASN A 50 -25.77 -17.42 10.27
N GLU A 51 -25.13 -17.10 11.40
CA GLU A 51 -25.89 -16.74 12.59
C GLU A 51 -26.50 -15.35 12.38
N LEU A 52 -25.81 -14.50 11.64
CA LEU A 52 -26.30 -13.15 11.37
C LEU A 52 -27.56 -13.27 10.50
N ILE A 53 -27.54 -14.21 9.55
CA ILE A 53 -28.69 -14.44 8.69
C ILE A 53 -29.85 -14.95 9.52
N LYS A 54 -29.60 -15.90 10.42
CA LYS A 54 -30.64 -16.45 11.29
C LYS A 54 -31.28 -15.35 12.13
N LEU A 55 -30.45 -14.40 12.59
CA LEU A 55 -30.94 -13.30 13.41
C LEU A 55 -31.53 -12.09 12.65
N ASP A 56 -31.42 -12.10 11.33
CA ASP A 56 -31.92 -11.00 10.51
C ASP A 56 -33.34 -11.42 10.11
N ALA A 57 -33.89 -12.40 10.81
CA ALA A 57 -35.23 -12.90 10.51
C ALA A 57 -36.08 -13.25 11.74
N ILE A 58 -35.57 -13.00 12.94
CA ILE A 58 -36.34 -13.29 14.15
C ILE A 58 -37.13 -12.07 14.56
N VAL A 59 -38.46 -12.17 14.52
CA VAL A 59 -39.31 -11.03 14.88
C VAL A 59 -39.67 -11.08 16.35
N ALA A 60 -39.49 -9.95 17.03
CA ALA A 60 -39.79 -9.84 18.44
C ALA A 60 -40.32 -8.45 18.76
N GLU A 61 -40.75 -8.27 20.00
CA GLU A 61 -41.25 -6.99 20.46
C GLU A 61 -40.64 -6.72 21.81
N GLY A 62 -40.86 -5.52 22.32
CA GLY A 62 -40.33 -5.14 23.62
C GLY A 62 -38.86 -5.45 23.84
N ASP A 63 -38.51 -5.84 25.06
CA ASP A 63 -37.14 -6.16 25.42
C ASP A 63 -36.55 -7.35 24.65
N VAL A 64 -37.40 -8.13 24.00
CA VAL A 64 -36.89 -9.26 23.22
C VAL A 64 -36.20 -8.73 21.97
N LYS A 65 -36.74 -7.65 21.41
CA LYS A 65 -36.17 -7.03 20.22
C LYS A 65 -34.78 -6.53 20.58
N LEU A 66 -34.61 -6.05 21.79
CA LEU A 66 -33.32 -5.55 22.25
C LEU A 66 -32.32 -6.70 22.32
N GLN A 67 -32.79 -7.87 22.77
CA GLN A 67 -31.92 -9.03 22.87
C GLN A 67 -31.44 -9.49 21.50
N ARG A 68 -32.31 -9.35 20.49
CA ARG A 68 -31.94 -9.73 19.14
C ARG A 68 -30.85 -8.79 18.62
N LYS A 69 -31.04 -7.50 18.85
CA LYS A 69 -30.06 -6.51 18.40
C LYS A 69 -28.73 -6.67 19.11
N MET A 70 -28.76 -7.10 20.37
CA MET A 70 -27.51 -7.31 21.09
C MET A 70 -26.75 -8.47 20.45
N GLN A 71 -27.46 -9.54 20.09
CA GLN A 71 -26.77 -10.67 19.48
C GLN A 71 -26.22 -10.27 18.12
N VAL A 72 -26.94 -9.42 17.40
CA VAL A 72 -26.47 -8.97 16.11
C VAL A 72 -25.17 -8.20 16.30
N LYS A 73 -25.14 -7.36 17.33
CA LYS A 73 -23.96 -6.55 17.63
C LYS A 73 -22.78 -7.44 18.00
N ARG A 74 -23.04 -8.50 18.74
CA ARG A 74 -21.98 -9.42 19.14
C ARG A 74 -21.32 -10.01 17.91
N VAL A 75 -22.13 -10.48 16.96
CA VAL A 75 -21.62 -11.07 15.73
C VAL A 75 -20.84 -10.08 14.88
N GLN A 76 -21.37 -8.86 14.75
CA GLN A 76 -20.68 -7.83 13.99
C GLN A 76 -19.30 -7.57 14.60
N ASN A 77 -19.23 -7.54 15.93
CA ASN A 77 -17.97 -7.30 16.61
C ASN A 77 -16.98 -8.43 16.35
N TYR A 78 -17.44 -9.68 16.42
CA TYR A 78 -16.54 -10.80 16.19
C TYR A 78 -16.05 -10.84 14.74
N VAL A 79 -16.94 -10.55 13.79
CA VAL A 79 -16.51 -10.56 12.40
C VAL A 79 -15.48 -9.45 12.20
N GLU A 80 -15.69 -8.32 12.87
CA GLU A 80 -14.77 -7.19 12.79
C GLU A 80 -13.40 -7.61 13.31
N THR A 81 -13.41 -8.32 14.43
CA THR A 81 -12.17 -8.82 15.03
C THR A 81 -11.48 -9.80 14.10
N LEU A 82 -12.25 -10.71 13.51
CA LEU A 82 -11.69 -11.71 12.60
C LEU A 82 -11.14 -11.09 11.31
N ASP A 83 -11.81 -10.06 10.80
CA ASP A 83 -11.34 -9.42 9.58
C ASP A 83 -10.00 -8.75 9.85
N ALA A 84 -9.85 -8.19 11.04
CA ALA A 84 -8.61 -7.53 11.42
C ALA A 84 -7.48 -8.55 11.55
N LEU A 85 -7.80 -9.75 12.02
CA LEU A 85 -6.80 -10.80 12.17
C LEU A 85 -6.36 -11.29 10.81
N LYS A 86 -7.31 -11.46 9.90
CA LYS A 86 -7.01 -11.94 8.57
C LYS A 86 -6.00 -11.05 7.88
N VAL A 87 -6.13 -9.75 8.09
CA VAL A 87 -5.19 -8.80 7.48
C VAL A 87 -3.81 -9.20 7.95
N LYS A 88 -3.71 -9.40 9.27
CA LYS A 88 -2.45 -9.75 9.93
C LYS A 88 -1.97 -11.19 9.82
N ASN A 89 -2.88 -12.14 9.73
CA ASN A 89 -2.38 -13.50 9.65
C ASN A 89 -1.49 -13.46 8.44
N GLY B 3 -10.61 6.09 -27.07
CA GLY B 3 -10.37 4.81 -26.36
C GLY B 3 -9.23 4.00 -26.95
N SER B 4 -8.59 4.54 -27.99
CA SER B 4 -7.47 3.84 -28.62
C SER B 4 -6.18 4.01 -27.84
N ALA B 5 -5.47 2.90 -27.66
CA ALA B 5 -4.22 2.92 -26.91
C ALA B 5 -3.13 3.73 -27.64
N SER B 6 -2.95 3.45 -28.92
CA SER B 6 -1.95 4.15 -29.72
C SER B 6 -2.09 5.66 -29.63
N LYS B 7 -3.33 6.14 -29.60
CA LYS B 7 -3.55 7.58 -29.52
C LYS B 7 -3.18 8.09 -28.13
N ALA B 8 -3.59 7.35 -27.11
CA ALA B 8 -3.32 7.72 -25.72
C ALA B 8 -1.83 7.74 -25.44
N ILE B 9 -1.12 6.72 -25.92
CA ILE B 9 0.32 6.63 -25.71
C ILE B 9 1.02 7.77 -26.46
N SER B 10 0.50 8.08 -27.65
CA SER B 10 1.07 9.14 -28.45
C SER B 10 0.93 10.49 -27.74
N ASP B 11 -0.20 10.70 -27.08
CA ASP B 11 -0.40 11.95 -26.36
C ASP B 11 0.54 12.01 -25.15
N ILE B 12 0.73 10.86 -24.50
CA ILE B 12 1.61 10.80 -23.34
C ILE B 12 3.04 11.07 -23.80
N SER B 13 3.38 10.54 -24.98
CA SER B 13 4.73 10.72 -25.51
C SER B 13 5.08 12.20 -25.68
N LEU B 14 4.10 13.01 -26.08
CA LEU B 14 4.32 14.43 -26.28
C LEU B 14 4.66 15.11 -24.96
N GLU B 15 3.98 14.69 -23.89
CA GLU B 15 4.21 15.26 -22.57
C GLU B 15 5.57 14.80 -22.05
N VAL B 16 5.94 13.56 -22.33
CA VAL B 16 7.23 13.04 -21.91
C VAL B 16 8.33 13.78 -22.66
N ASP B 17 8.06 14.16 -23.91
CA ASP B 17 9.05 14.91 -24.69
C ASP B 17 9.30 16.23 -23.97
N ARG B 18 8.22 16.88 -23.54
CA ARG B 18 8.30 18.16 -22.84
C ARG B 18 8.99 18.04 -21.49
N LEU B 19 8.64 17.01 -20.73
CA LEU B 19 9.26 16.79 -19.43
C LEU B 19 10.73 16.47 -19.62
N GLY B 20 11.04 15.78 -20.72
CA GLY B 20 12.41 15.41 -21.02
C GLY B 20 13.20 16.66 -21.30
N GLY B 21 12.54 17.64 -21.93
CA GLY B 21 13.17 18.90 -22.21
C GLY B 21 13.49 19.60 -20.88
N ARG B 22 12.59 19.49 -19.92
CA ARG B 22 12.79 20.08 -18.62
C ARG B 22 14.01 19.46 -17.96
N VAL B 23 14.16 18.14 -18.13
CA VAL B 23 15.30 17.44 -17.53
C VAL B 23 16.59 17.96 -18.15
N SER B 24 16.58 18.11 -19.47
CA SER B 24 17.75 18.60 -20.19
C SER B 24 18.13 19.99 -19.68
N ALA B 25 17.13 20.83 -19.43
CA ALA B 25 17.38 22.19 -18.94
C ALA B 25 18.07 22.12 -17.57
N PHE B 26 17.57 21.25 -16.70
CA PHE B 26 18.16 21.07 -15.37
C PHE B 26 19.62 20.60 -15.48
N GLU B 27 19.90 19.72 -16.42
CA GLU B 27 21.25 19.21 -16.60
C GLU B 27 22.21 20.32 -17.02
N MET B 28 21.77 21.15 -17.96
CA MET B 28 22.61 22.26 -18.45
C MET B 28 22.86 23.25 -17.32
N VAL B 29 21.82 23.59 -16.57
CA VAL B 29 21.99 24.52 -15.45
C VAL B 29 23.06 23.97 -14.51
N THR B 30 22.95 22.69 -14.18
CA THR B 30 23.90 22.03 -13.30
C THR B 30 25.31 21.99 -13.88
N LYS B 31 25.41 21.68 -15.17
CA LYS B 31 26.70 21.59 -15.85
C LYS B 31 27.40 22.94 -15.90
N LYS B 32 26.61 24.01 -15.99
CA LYS B 32 27.13 25.36 -16.08
C LYS B 32 27.24 26.08 -14.73
N GLY B 33 27.24 25.32 -13.64
CA GLY B 33 27.38 25.90 -12.33
C GLY B 33 26.11 26.41 -11.65
N GLY B 34 24.96 26.25 -12.29
CA GLY B 34 23.69 26.70 -11.71
C GLY B 34 23.18 25.90 -10.53
N LYS B 35 22.10 26.42 -9.96
CA LYS B 35 21.45 25.89 -8.74
C LYS B 35 19.93 25.71 -8.97
N ILE B 36 19.55 24.43 -8.99
CA ILE B 36 18.20 24.01 -9.19
C ILE B 36 17.62 23.70 -7.81
N ALA B 37 16.53 24.38 -7.43
CA ALA B 37 15.94 24.11 -6.11
C ALA B 37 15.54 22.65 -5.98
N GLU B 38 15.75 22.05 -4.80
CA GLU B 38 15.38 20.64 -4.60
C GLU B 38 13.90 20.47 -4.90
N LYS B 39 13.15 21.54 -4.66
CA LYS B 39 11.71 21.57 -4.89
C LYS B 39 11.37 21.36 -6.36
N ASP B 40 12.16 21.99 -7.24
CA ASP B 40 11.93 21.88 -8.68
C ASP B 40 12.16 20.48 -9.23
N LEU B 41 13.18 19.79 -8.74
CA LEU B 41 13.46 18.45 -9.20
C LEU B 41 12.28 17.55 -8.84
N VAL B 42 11.79 17.70 -7.61
CA VAL B 42 10.65 16.90 -7.14
C VAL B 42 9.39 17.14 -7.97
N THR B 43 9.13 18.38 -8.35
CA THR B 43 7.96 18.71 -9.14
C THR B 43 7.94 17.96 -10.48
N VAL B 44 9.06 17.98 -11.17
CA VAL B 44 9.20 17.31 -12.46
C VAL B 44 9.15 15.78 -12.29
N ILE B 45 9.78 15.29 -11.23
CA ILE B 45 9.75 13.85 -10.98
C ILE B 45 8.30 13.43 -10.78
N GLU B 46 7.53 14.23 -10.05
CA GLU B 46 6.14 13.89 -9.82
C GLU B 46 5.29 13.99 -11.09
N LEU B 47 5.63 14.91 -11.98
CA LEU B 47 4.90 15.04 -13.23
C LEU B 47 5.19 13.81 -14.08
N LEU B 48 6.43 13.34 -14.00
CA LEU B 48 6.83 12.14 -14.73
C LEU B 48 6.15 10.91 -14.13
N MET B 49 6.03 10.88 -12.80
CA MET B 49 5.36 9.78 -12.14
C MET B 49 3.89 9.70 -12.58
N ASN B 50 3.26 10.86 -12.79
CA ASN B 50 1.88 10.86 -13.23
C ASN B 50 1.74 10.28 -14.64
N GLU B 51 2.74 10.51 -15.48
CA GLU B 51 2.71 9.95 -16.84
C GLU B 51 2.89 8.44 -16.76
N LEU B 52 3.69 8.00 -15.79
CA LEU B 52 3.96 6.58 -15.59
C LEU B 52 2.67 5.89 -15.16
N ILE B 53 1.91 6.56 -14.29
CA ILE B 53 0.63 6.03 -13.84
C ILE B 53 -0.33 5.92 -15.03
N LYS B 54 -0.35 6.94 -15.90
CA LYS B 54 -1.23 6.92 -17.06
C LYS B 54 -0.85 5.78 -18.01
N LEU B 55 0.45 5.58 -18.20
CA LEU B 55 0.94 4.53 -19.08
C LEU B 55 0.65 3.14 -18.54
N ASP B 56 0.73 2.99 -17.22
CA ASP B 56 0.47 1.70 -16.58
C ASP B 56 -0.99 1.27 -16.69
N ALA B 57 -1.86 2.25 -16.94
CA ALA B 57 -3.29 1.97 -17.04
C ALA B 57 -3.76 1.63 -18.46
N ILE B 58 -2.95 1.97 -19.46
CA ILE B 58 -3.34 1.71 -20.84
C ILE B 58 -3.30 0.24 -21.23
N VAL B 59 -4.33 -0.18 -21.95
CA VAL B 59 -4.44 -1.56 -22.40
C VAL B 59 -4.14 -1.61 -23.89
N ALA B 60 -3.13 -2.38 -24.25
CA ALA B 60 -2.75 -2.50 -25.64
C ALA B 60 -2.29 -3.91 -25.99
N GLU B 61 -2.00 -4.14 -27.26
CA GLU B 61 -1.54 -5.46 -27.70
C GLU B 61 -0.65 -5.34 -28.93
N GLY B 62 0.22 -6.32 -29.11
CA GLY B 62 1.11 -6.32 -30.25
C GLY B 62 2.08 -5.14 -30.30
N ASP B 63 2.20 -4.54 -31.47
CA ASP B 63 3.09 -3.41 -31.68
C ASP B 63 2.87 -2.23 -30.74
N VAL B 64 1.61 -1.93 -30.41
CA VAL B 64 1.32 -0.83 -29.51
C VAL B 64 1.78 -1.10 -28.09
N LYS B 65 1.82 -2.38 -27.72
CA LYS B 65 2.23 -2.80 -26.39
C LYS B 65 3.70 -2.41 -26.15
N LEU B 66 4.52 -2.67 -27.15
CA LEU B 66 5.94 -2.37 -27.05
C LEU B 66 6.17 -0.85 -27.04
N GLN B 67 5.32 -0.12 -27.76
CA GLN B 67 5.44 1.34 -27.82
C GLN B 67 5.15 1.91 -26.43
N ARG B 68 4.26 1.24 -25.70
CA ARG B 68 3.92 1.66 -24.34
C ARG B 68 5.11 1.42 -23.42
N LYS B 69 5.69 0.23 -23.52
CA LYS B 69 6.83 -0.13 -22.69
C LYS B 69 8.01 0.78 -23.00
N MET B 70 8.08 1.25 -24.24
CA MET B 70 9.18 2.13 -24.62
C MET B 70 9.01 3.49 -23.94
N GLN B 71 7.79 3.97 -23.79
CA GLN B 71 7.58 5.27 -23.14
C GLN B 71 7.85 5.13 -21.64
N VAL B 72 7.58 3.96 -21.08
CA VAL B 72 7.85 3.72 -19.68
C VAL B 72 9.35 3.77 -19.44
N LYS B 73 10.12 3.22 -20.38
CA LYS B 73 11.57 3.21 -20.26
C LYS B 73 12.10 4.64 -20.36
N ARG B 74 11.49 5.44 -21.22
CA ARG B 74 11.91 6.84 -21.35
C ARG B 74 11.73 7.54 -20.01
N VAL B 75 10.57 7.36 -19.38
CA VAL B 75 10.28 7.97 -18.09
C VAL B 75 11.29 7.51 -17.06
N GLN B 76 11.56 6.20 -17.03
CA GLN B 76 12.50 5.67 -16.06
C GLN B 76 13.87 6.33 -16.24
N ASN B 77 14.32 6.47 -17.48
CA ASN B 77 15.61 7.11 -17.75
C ASN B 77 15.63 8.55 -17.24
N TYR B 78 14.55 9.30 -17.49
CA TYR B 78 14.52 10.70 -17.04
C TYR B 78 14.51 10.80 -15.52
N VAL B 79 13.73 9.93 -14.87
CA VAL B 79 13.66 9.95 -13.41
C VAL B 79 15.00 9.60 -12.78
N GLU B 80 15.73 8.66 -13.36
CA GLU B 80 17.03 8.30 -12.81
C GLU B 80 17.99 9.46 -13.00
N THR B 81 17.84 10.18 -14.10
CA THR B 81 18.70 11.33 -14.35
C THR B 81 18.40 12.41 -13.30
N LEU B 82 17.12 12.58 -12.98
CA LEU B 82 16.71 13.57 -11.98
C LEU B 82 17.21 13.14 -10.60
N ASP B 83 17.17 11.84 -10.33
CA ASP B 83 17.65 11.32 -9.04
C ASP B 83 19.13 11.67 -8.89
N ALA B 84 19.88 11.61 -9.98
CA ALA B 84 21.31 11.93 -9.97
C ALA B 84 21.55 13.42 -9.74
N LEU B 85 20.70 14.27 -10.31
CA LEU B 85 20.85 15.71 -10.14
C LEU B 85 20.56 16.10 -8.69
N LYS B 86 19.74 15.31 -8.02
CA LYS B 86 19.39 15.56 -6.62
C LYS B 86 20.66 15.58 -5.77
N VAL B 87 21.47 14.55 -5.92
CA VAL B 87 22.71 14.43 -5.17
C VAL B 87 23.55 15.65 -5.51
N LYS B 88 23.56 16.01 -6.77
CA LYS B 88 24.35 17.15 -7.21
C LYS B 88 23.89 18.50 -6.72
N ASN B 89 22.62 18.79 -6.92
CA ASN B 89 22.11 20.11 -6.52
C ASN B 89 21.95 20.33 -5.04
N SER C 4 11.72 25.85 10.40
CA SER C 4 10.57 25.58 9.50
C SER C 4 9.75 24.40 10.03
N ALA C 5 8.50 24.33 9.59
CA ALA C 5 7.60 23.27 10.02
C ALA C 5 8.11 21.90 9.56
N SER C 6 8.66 21.85 8.36
CA SER C 6 9.19 20.62 7.81
C SER C 6 10.32 20.06 8.67
N LYS C 7 11.16 20.96 9.18
CA LYS C 7 12.27 20.57 10.02
C LYS C 7 11.78 20.11 11.39
N ALA C 8 10.74 20.77 11.90
CA ALA C 8 10.18 20.39 13.19
C ALA C 8 9.58 18.98 13.07
N ILE C 9 8.92 18.73 11.95
CA ILE C 9 8.29 17.44 11.70
C ILE C 9 9.36 16.36 11.53
N SER C 10 10.43 16.67 10.81
CA SER C 10 11.51 15.70 10.62
C SER C 10 12.16 15.34 11.96
N ASP C 11 12.29 16.32 12.86
CA ASP C 11 12.89 16.05 14.17
C ASP C 11 11.99 15.11 14.98
N ILE C 12 10.69 15.35 14.91
CA ILE C 12 9.74 14.50 15.62
C ILE C 12 9.81 13.09 15.02
N SER C 13 9.92 13.00 13.70
CA SER C 13 10.02 11.70 13.04
C SER C 13 11.19 10.87 13.58
N LEU C 14 12.30 11.53 13.91
CA LEU C 14 13.47 10.82 14.43
C LEU C 14 13.16 10.19 15.78
N GLU C 15 12.34 10.87 16.57
CA GLU C 15 11.97 10.35 17.88
C GLU C 15 10.94 9.25 17.73
N VAL C 16 10.01 9.43 16.80
CA VAL C 16 9.00 8.41 16.56
C VAL C 16 9.70 7.14 16.07
N ASP C 17 10.79 7.30 15.30
CA ASP C 17 11.54 6.13 14.83
C ASP C 17 12.01 5.31 16.04
N ARG C 18 12.61 5.99 17.02
CA ARG C 18 13.10 5.30 18.20
C ARG C 18 11.97 4.70 19.03
N LEU C 19 10.87 5.43 19.18
CA LEU C 19 9.74 4.91 19.94
C LEU C 19 9.19 3.67 19.21
N GLY C 20 9.20 3.72 17.88
CA GLY C 20 8.73 2.58 17.11
C GLY C 20 9.62 1.37 17.37
N GLY C 21 10.91 1.64 17.56
CA GLY C 21 11.85 0.56 17.85
C GLY C 21 11.47 -0.12 19.15
N ARG C 22 11.03 0.65 20.13
CA ARG C 22 10.63 0.10 21.41
C ARG C 22 9.36 -0.73 21.25
N VAL C 23 8.41 -0.21 20.49
CA VAL C 23 7.16 -0.95 20.28
C VAL C 23 7.44 -2.32 19.64
N SER C 24 8.31 -2.34 18.63
CA SER C 24 8.67 -3.57 17.93
C SER C 24 9.32 -4.56 18.89
N ALA C 25 10.16 -4.05 19.78
CA ALA C 25 10.82 -4.89 20.75
C ALA C 25 9.80 -5.50 21.70
N PHE C 26 8.85 -4.68 22.16
CA PHE C 26 7.80 -5.17 23.06
C PHE C 26 6.95 -6.25 22.39
N GLU C 27 6.63 -6.04 21.12
CA GLU C 27 5.83 -7.00 20.36
C GLU C 27 6.53 -8.35 20.23
N MET C 28 7.82 -8.32 19.91
CA MET C 28 8.58 -9.55 19.75
C MET C 28 8.70 -10.30 21.06
N VAL C 29 8.92 -9.58 22.14
CA VAL C 29 9.02 -10.19 23.46
C VAL C 29 7.72 -10.93 23.79
N THR C 30 6.60 -10.28 23.51
CA THR C 30 5.28 -10.85 23.78
C THR C 30 5.00 -12.07 22.92
N LYS C 31 5.35 -11.99 21.64
CA LYS C 31 5.16 -13.09 20.71
C LYS C 31 6.02 -14.28 21.09
N LYS C 32 7.13 -14.02 21.78
CA LYS C 32 8.02 -15.10 22.20
C LYS C 32 7.71 -15.61 23.61
N GLY C 33 6.53 -15.25 24.11
CA GLY C 33 6.11 -15.71 25.42
C GLY C 33 6.52 -14.89 26.62
N GLY C 34 7.14 -13.74 26.38
CA GLY C 34 7.54 -12.90 27.49
C GLY C 34 6.42 -11.96 27.90
N LYS C 35 6.63 -11.21 28.96
CA LYS C 35 5.62 -10.27 29.41
C LYS C 35 6.26 -8.91 29.68
N ILE C 36 5.71 -7.88 29.06
CA ILE C 36 6.19 -6.52 29.23
C ILE C 36 5.43 -5.92 30.42
N ALA C 37 6.17 -5.38 31.39
CA ALA C 37 5.54 -4.76 32.56
C ALA C 37 4.55 -3.70 32.11
N GLU C 38 3.38 -3.67 32.74
CA GLU C 38 2.36 -2.69 32.39
C GLU C 38 2.92 -1.27 32.47
N LYS C 39 3.75 -1.00 33.46
CA LYS C 39 4.31 0.33 33.62
C LYS C 39 5.18 0.73 32.42
N ASP C 40 5.85 -0.24 31.82
CA ASP C 40 6.70 0.04 30.66
C ASP C 40 5.85 0.38 29.44
N LEU C 41 4.68 -0.25 29.35
CA LEU C 41 3.77 0.03 28.25
C LEU C 41 3.23 1.45 28.42
N VAL C 42 2.86 1.79 29.65
CA VAL C 42 2.33 3.12 29.93
C VAL C 42 3.36 4.20 29.62
N THR C 43 4.61 3.97 30.02
CA THR C 43 5.66 4.96 29.76
C THR C 43 5.84 5.26 28.28
N VAL C 44 5.95 4.22 27.46
CA VAL C 44 6.13 4.45 26.03
C VAL C 44 4.89 5.08 25.41
N ILE C 45 3.69 4.72 25.87
CA ILE C 45 2.49 5.33 25.32
C ILE C 45 2.47 6.82 25.58
N GLU C 46 2.86 7.22 26.80
CA GLU C 46 2.86 8.64 27.12
C GLU C 46 3.89 9.40 26.30
N LEU C 47 5.05 8.77 26.04
CA LEU C 47 6.06 9.42 25.20
C LEU C 47 5.51 9.63 23.79
N LEU C 48 4.76 8.65 23.29
CA LEU C 48 4.17 8.78 21.96
C LEU C 48 3.10 9.88 21.96
N MET C 49 2.34 9.97 23.06
CA MET C 49 1.31 11.00 23.16
C MET C 49 1.96 12.38 23.12
N ASN C 50 3.12 12.51 23.74
CA ASN C 50 3.81 13.79 23.73
C ASN C 50 4.22 14.19 22.31
N GLU C 51 4.55 13.21 21.49
CA GLU C 51 4.93 13.52 20.10
C GLU C 51 3.68 13.89 19.30
N LEU C 52 2.54 13.29 19.66
CA LEU C 52 1.29 13.58 18.98
C LEU C 52 0.94 15.04 19.27
N ILE C 53 1.14 15.47 20.50
CA ILE C 53 0.87 16.85 20.89
C ILE C 53 1.77 17.80 20.10
N LYS C 54 3.06 17.47 20.01
CA LYS C 54 4.00 18.31 19.26
C LYS C 54 3.54 18.45 17.80
N LEU C 55 3.12 17.34 17.22
CA LEU C 55 2.66 17.34 15.83
C LEU C 55 1.39 18.17 15.59
N ASP C 56 0.45 18.11 16.53
CA ASP C 56 -0.82 18.82 16.38
C ASP C 56 -0.65 20.34 16.47
N ALA C 57 0.50 20.76 17.00
CA ALA C 57 0.79 22.19 17.16
C ALA C 57 1.48 22.82 15.94
N ILE C 58 2.02 21.98 15.06
CA ILE C 58 2.71 22.46 13.87
C ILE C 58 1.77 22.89 12.76
N VAL C 59 1.91 24.13 12.32
CA VAL C 59 1.10 24.65 11.24
C VAL C 59 1.89 24.44 9.95
N ALA C 60 1.43 23.52 9.12
CA ALA C 60 2.11 23.21 7.87
C ALA C 60 1.29 23.60 6.65
N GLU C 61 1.97 23.72 5.52
CA GLU C 61 1.33 24.09 4.26
C GLU C 61 1.91 23.27 3.10
N GLY C 62 1.17 23.21 2.00
CA GLY C 62 1.62 22.47 0.84
C GLY C 62 1.85 21.00 1.10
N ASP C 63 2.95 20.48 0.59
CA ASP C 63 3.28 19.07 0.76
C ASP C 63 3.70 18.74 2.19
N VAL C 64 4.06 19.77 2.95
CA VAL C 64 4.47 19.60 4.34
C VAL C 64 3.30 19.07 5.18
N LYS C 65 2.08 19.40 4.75
CA LYS C 65 0.89 18.96 5.47
C LYS C 65 0.80 17.43 5.45
N LEU C 66 1.04 16.82 4.30
CA LEU C 66 0.99 15.38 4.19
C LEU C 66 2.08 14.77 5.06
N GLN C 67 3.23 15.43 5.08
CA GLN C 67 4.37 14.99 5.87
C GLN C 67 3.94 14.91 7.34
N ARG C 68 3.29 15.96 7.80
CA ARG C 68 2.82 16.02 9.19
C ARG C 68 1.82 14.92 9.48
N LYS C 69 0.84 14.76 8.59
CA LYS C 69 -0.20 13.74 8.76
C LYS C 69 0.33 12.32 8.78
N MET C 70 1.41 12.07 8.03
CA MET C 70 1.96 10.73 8.02
C MET C 70 2.58 10.39 9.37
N GLN C 71 3.22 11.38 10.00
CA GLN C 71 3.81 11.12 11.30
C GLN C 71 2.68 10.96 12.32
N VAL C 72 1.60 11.72 12.15
CA VAL C 72 0.48 11.59 13.07
C VAL C 72 -0.06 10.15 12.99
N LYS C 73 -0.19 9.64 11.76
CA LYS C 73 -0.70 8.29 11.55
C LYS C 73 0.24 7.25 12.16
N ARG C 74 1.55 7.43 11.97
CA ARG C 74 2.50 6.48 12.54
C ARG C 74 2.36 6.41 14.06
N VAL C 75 2.29 7.57 14.70
CA VAL C 75 2.14 7.61 16.15
C VAL C 75 0.84 6.95 16.62
N GLN C 76 -0.28 7.26 15.95
CA GLN C 76 -1.55 6.65 16.32
C GLN C 76 -1.47 5.11 16.24
N ASN C 77 -0.84 4.61 15.18
CA ASN C 77 -0.70 3.17 15.00
C ASN C 77 0.13 2.55 16.14
N TYR C 78 1.21 3.21 16.54
CA TYR C 78 2.03 2.69 17.62
C TYR C 78 1.27 2.67 18.92
N VAL C 79 0.54 3.75 19.21
CA VAL C 79 -0.22 3.81 20.44
C VAL C 79 -1.23 2.66 20.42
N GLU C 80 -1.87 2.45 19.28
CA GLU C 80 -2.85 1.38 19.11
C GLU C 80 -2.24 0.02 19.42
N THR C 81 -1.07 -0.25 18.86
CA THR C 81 -0.37 -1.51 19.08
C THR C 81 -0.08 -1.74 20.57
N LEU C 82 0.41 -0.72 21.26
CA LEU C 82 0.73 -0.84 22.68
C LEU C 82 -0.51 -1.02 23.56
N ASP C 83 -1.57 -0.27 23.27
CA ASP C 83 -2.78 -0.41 24.06
C ASP C 83 -3.25 -1.87 24.02
N ALA C 84 -3.15 -2.47 22.83
CA ALA C 84 -3.59 -3.86 22.65
C ALA C 84 -2.74 -4.87 23.41
N LEU C 85 -1.56 -4.47 23.86
CA LEU C 85 -0.69 -5.37 24.62
C LEU C 85 -1.01 -5.39 26.10
N LYS C 86 -1.73 -4.38 26.58
CA LYS C 86 -2.09 -4.31 27.98
C LYS C 86 -2.99 -5.48 28.38
N VAL C 87 -2.80 -5.98 29.59
CA VAL C 87 -3.61 -7.09 30.08
C VAL C 87 -5.07 -6.65 30.09
N LYS C 88 -5.28 -5.38 30.38
CA LYS C 88 -6.63 -4.83 30.42
C LYS C 88 -7.27 -4.94 29.04
N GLY D 3 23.35 21.83 5.10
CA GLY D 3 24.57 22.00 4.25
C GLY D 3 25.85 21.60 4.97
N SER D 4 25.71 21.28 6.26
CA SER D 4 26.86 20.89 7.08
C SER D 4 27.10 19.39 7.01
N ALA D 5 28.23 18.96 7.57
CA ALA D 5 28.59 17.55 7.58
C ALA D 5 27.61 16.74 8.42
N SER D 6 27.21 17.30 9.57
CA SER D 6 26.29 16.62 10.47
C SER D 6 24.97 16.32 9.77
N LYS D 7 24.48 17.26 8.98
CA LYS D 7 23.22 17.08 8.28
C LYS D 7 23.35 16.00 7.21
N ALA D 8 24.48 16.02 6.49
CA ALA D 8 24.73 15.04 5.45
C ALA D 8 24.73 13.66 6.09
N ILE D 9 25.31 13.57 7.28
CA ILE D 9 25.37 12.31 7.99
C ILE D 9 23.99 11.87 8.46
N SER D 10 23.21 12.80 9.02
CA SER D 10 21.87 12.47 9.49
C SER D 10 21.01 12.00 8.31
N ASP D 11 21.16 12.64 7.16
CA ASP D 11 20.39 12.25 5.98
C ASP D 11 20.76 10.82 5.55
N ILE D 12 22.05 10.49 5.65
CA ILE D 12 22.47 9.14 5.29
C ILE D 12 21.93 8.17 6.32
N SER D 13 21.88 8.60 7.59
CA SER D 13 21.38 7.75 8.65
C SER D 13 19.95 7.27 8.34
N LEU D 14 19.16 8.14 7.73
CA LEU D 14 17.78 7.80 7.38
C LEU D 14 17.74 6.69 6.34
N GLU D 15 18.63 6.78 5.36
CA GLU D 15 18.70 5.76 4.31
C GLU D 15 19.21 4.47 4.93
N VAL D 16 20.19 4.57 5.82
CA VAL D 16 20.74 3.40 6.48
C VAL D 16 19.64 2.71 7.29
N ASP D 17 18.78 3.50 7.94
CA ASP D 17 17.69 2.92 8.73
C ASP D 17 16.85 2.01 7.84
N ARG D 18 16.47 2.52 6.67
CA ARG D 18 15.66 1.73 5.75
C ARG D 18 16.38 0.51 5.20
N LEU D 19 17.68 0.63 4.93
CA LEU D 19 18.45 -0.50 4.45
C LEU D 19 18.46 -1.57 5.54
N GLY D 20 18.53 -1.13 6.79
CA GLY D 20 18.52 -2.08 7.90
C GLY D 20 17.17 -2.78 7.90
N GLY D 21 16.16 -2.11 7.33
CA GLY D 21 14.83 -2.67 7.27
C GLY D 21 14.79 -3.77 6.23
N ARG D 22 15.61 -3.63 5.18
CA ARG D 22 15.69 -4.64 4.14
C ARG D 22 16.37 -5.88 4.70
N VAL D 23 17.33 -5.65 5.60
CA VAL D 23 18.06 -6.75 6.24
C VAL D 23 17.09 -7.61 7.02
N SER D 24 16.33 -6.97 7.91
CA SER D 24 15.35 -7.68 8.74
C SER D 24 14.36 -8.48 7.89
N ALA D 25 13.87 -7.85 6.82
CA ALA D 25 12.92 -8.51 5.94
C ALA D 25 13.47 -9.84 5.46
N PHE D 26 14.76 -9.86 5.13
CA PHE D 26 15.41 -11.09 4.69
C PHE D 26 15.46 -12.13 5.80
N GLU D 27 15.87 -11.69 7.00
CA GLU D 27 15.96 -12.59 8.14
C GLU D 27 14.59 -13.21 8.46
N MET D 28 13.54 -12.40 8.35
CA MET D 28 12.19 -12.88 8.60
C MET D 28 11.89 -14.04 7.65
N VAL D 29 12.48 -13.97 6.46
CA VAL D 29 12.30 -15.02 5.45
C VAL D 29 13.00 -16.29 5.93
N THR D 30 14.16 -16.12 6.54
CA THR D 30 14.94 -17.23 7.06
C THR D 30 14.14 -17.94 8.16
N LYS D 31 13.39 -17.14 8.92
CA LYS D 31 12.57 -17.63 10.02
C LYS D 31 11.82 -18.90 9.61
N ILE D 36 15.50 -16.92 0.09
CA ILE D 36 16.03 -15.62 -0.33
C ILE D 36 16.85 -15.76 -1.60
N ALA D 37 16.52 -14.95 -2.61
CA ALA D 37 17.24 -14.98 -3.88
C ALA D 37 18.60 -14.32 -3.72
N GLU D 38 19.62 -14.92 -4.33
CA GLU D 38 20.97 -14.40 -4.24
C GLU D 38 21.04 -12.98 -4.82
N LYS D 39 20.30 -12.75 -5.89
CA LYS D 39 20.27 -11.45 -6.54
C LYS D 39 19.81 -10.32 -5.63
N ASP D 40 18.84 -10.63 -4.76
CA ASP D 40 18.31 -9.62 -3.83
C ASP D 40 19.31 -9.19 -2.77
N LEU D 41 20.04 -10.15 -2.19
CA LEU D 41 21.04 -9.82 -1.19
C LEU D 41 22.10 -8.93 -1.83
N VAL D 42 22.48 -9.28 -3.05
CA VAL D 42 23.49 -8.54 -3.80
C VAL D 42 23.10 -7.09 -4.04
N THR D 43 21.82 -6.87 -4.34
CA THR D 43 21.34 -5.51 -4.59
C THR D 43 21.39 -4.66 -3.31
N VAL D 44 20.98 -5.24 -2.19
CA VAL D 44 20.97 -4.52 -0.92
C VAL D 44 22.39 -4.20 -0.43
N ILE D 45 23.34 -5.09 -0.69
CA ILE D 45 24.72 -4.86 -0.30
C ILE D 45 25.29 -3.74 -1.16
N GLU D 46 24.87 -3.69 -2.41
CA GLU D 46 25.33 -2.64 -3.32
C GLU D 46 24.84 -1.28 -2.85
N LEU D 47 23.60 -1.25 -2.32
CA LEU D 47 23.03 0.00 -1.82
C LEU D 47 23.76 0.46 -0.57
N LEU D 48 24.03 -0.48 0.34
CA LEU D 48 24.74 -0.16 1.58
C LEU D 48 26.12 0.38 1.21
N MET D 49 26.74 -0.22 0.20
CA MET D 49 28.05 0.22 -0.25
C MET D 49 28.04 1.68 -0.68
N ASN D 50 27.00 2.10 -1.39
CA ASN D 50 26.92 3.47 -1.85
C ASN D 50 26.87 4.47 -0.69
N GLU D 51 26.22 4.07 0.40
CA GLU D 51 26.13 4.93 1.57
C GLU D 51 27.51 4.98 2.22
N LEU D 52 28.19 3.83 2.25
CA LEU D 52 29.51 3.75 2.83
C LEU D 52 30.41 4.74 2.06
N ILE D 53 30.26 4.75 0.75
CA ILE D 53 31.03 5.66 -0.09
C ILE D 53 30.69 7.11 0.23
N LYS D 54 29.41 7.40 0.44
CA LYS D 54 29.00 8.77 0.77
C LYS D 54 29.57 9.17 2.12
N LEU D 55 29.61 8.23 3.05
CA LEU D 55 30.14 8.51 4.39
C LEU D 55 31.65 8.76 4.37
N ASP D 56 32.35 7.91 3.62
CA ASP D 56 33.80 8.02 3.52
C ASP D 56 34.21 9.35 2.88
N ALA D 57 33.28 9.97 2.15
CA ALA D 57 33.58 11.24 1.48
C ALA D 57 33.31 12.47 2.33
N ILE D 58 32.61 12.31 3.44
CA ILE D 58 32.28 13.43 4.32
C ILE D 58 33.40 13.73 5.31
N VAL D 59 33.83 14.99 5.37
CA VAL D 59 34.90 15.40 6.28
C VAL D 59 34.25 16.02 7.52
N ALA D 60 34.30 15.30 8.64
CA ALA D 60 33.70 15.79 9.87
C ALA D 60 34.74 16.38 10.82
N GLU D 61 34.26 17.15 11.79
CA GLU D 61 35.11 17.78 12.80
C GLU D 61 34.38 17.71 14.14
N GLY D 62 35.14 17.77 15.24
CA GLY D 62 34.55 17.73 16.56
C GLY D 62 33.73 16.49 16.87
N ASP D 63 32.57 16.70 17.49
CA ASP D 63 31.68 15.60 17.87
C ASP D 63 31.08 14.90 16.65
N VAL D 64 31.07 15.57 15.51
CA VAL D 64 30.48 14.96 14.30
C VAL D 64 31.33 13.79 13.79
N LYS D 65 32.60 13.77 14.14
CA LYS D 65 33.48 12.70 13.73
C LYS D 65 32.92 11.36 14.22
N LEU D 66 32.57 11.31 15.50
CA LEU D 66 32.03 10.08 16.08
C LEU D 66 30.67 9.75 15.46
N GLN D 67 29.95 10.79 15.06
CA GLN D 67 28.63 10.60 14.44
C GLN D 67 28.89 9.88 13.12
N ARG D 68 29.87 10.37 12.36
CA ARG D 68 30.19 9.77 11.07
C ARG D 68 30.63 8.31 11.24
N LYS D 69 31.60 8.09 12.13
CA LYS D 69 32.11 6.74 12.37
C LYS D 69 31.03 5.78 12.83
N MET D 70 30.04 6.27 13.57
CA MET D 70 28.97 5.40 14.03
C MET D 70 28.13 4.92 12.86
N GLN D 71 27.87 5.80 11.89
CA GLN D 71 27.08 5.38 10.72
C GLN D 71 27.90 4.43 9.88
N VAL D 72 29.21 4.66 9.81
CA VAL D 72 30.09 3.78 9.05
C VAL D 72 30.03 2.37 9.64
N LYS D 73 30.06 2.31 10.97
CA LYS D 73 30.01 1.03 11.69
C LYS D 73 28.68 0.31 11.49
N ARG D 74 27.59 1.07 11.44
CA ARG D 74 26.29 0.46 11.23
C ARG D 74 26.23 -0.19 9.86
N VAL D 75 26.66 0.56 8.85
CA VAL D 75 26.65 0.06 7.49
C VAL D 75 27.51 -1.21 7.38
N GLN D 76 28.69 -1.19 7.99
CA GLN D 76 29.54 -2.38 7.95
C GLN D 76 28.84 -3.57 8.60
N ASN D 77 28.21 -3.37 9.74
CA ASN D 77 27.50 -4.45 10.42
C ASN D 77 26.43 -5.09 9.53
N TYR D 78 25.62 -4.27 8.88
CA TYR D 78 24.57 -4.79 8.01
C TYR D 78 25.14 -5.60 6.86
N VAL D 79 26.18 -5.08 6.22
CA VAL D 79 26.81 -5.77 5.10
C VAL D 79 27.25 -7.16 5.54
N GLU D 80 27.94 -7.21 6.67
CA GLU D 80 28.42 -8.48 7.23
C GLU D 80 27.25 -9.47 7.45
N THR D 81 26.12 -8.97 7.93
CA THR D 81 24.94 -9.80 8.17
C THR D 81 24.39 -10.37 6.86
N LEU D 82 24.48 -9.60 5.79
CA LEU D 82 23.99 -10.04 4.49
C LEU D 82 24.95 -11.03 3.81
N ASP D 83 26.25 -10.87 4.07
CA ASP D 83 27.23 -11.78 3.49
C ASP D 83 27.03 -13.18 4.05
N ALA D 84 26.78 -13.24 5.36
CA ALA D 84 26.56 -14.50 6.04
C ALA D 84 25.34 -15.23 5.48
N LEU D 85 24.38 -14.47 4.98
CA LEU D 85 23.16 -15.04 4.43
C LEU D 85 23.32 -15.56 3.01
N LYS D 86 24.33 -15.06 2.28
CA LYS D 86 24.55 -15.51 0.91
C LYS D 86 25.63 -16.57 0.78
N VAL D 87 25.85 -17.03 -0.45
CA VAL D 87 26.85 -18.05 -0.76
C VAL D 87 26.63 -19.29 0.10
N GLY E 1 11.92 -11.31 -5.31
CA GLY E 1 12.19 -12.53 -4.50
C GLY E 1 11.68 -12.41 -3.08
N PRO E 2 11.65 -13.52 -2.32
CA PRO E 2 11.17 -13.52 -0.93
C PRO E 2 11.87 -12.47 -0.06
N GLY E 3 11.07 -11.63 0.59
CA GLY E 3 11.61 -10.60 1.46
C GLY E 3 12.24 -9.42 0.74
N SER E 4 12.26 -9.47 -0.58
CA SER E 4 12.84 -8.38 -1.37
C SER E 4 11.92 -7.17 -1.40
N ALA E 5 12.48 -6.03 -1.78
CA ALA E 5 11.70 -4.79 -1.86
C ALA E 5 10.65 -4.95 -2.96
N SER E 6 11.05 -5.56 -4.06
CA SER E 6 10.15 -5.76 -5.19
C SER E 6 8.84 -6.45 -4.79
N LYS E 7 8.95 -7.50 -4.00
CA LYS E 7 7.78 -8.24 -3.54
C LYS E 7 6.91 -7.38 -2.63
N ALA E 8 7.56 -6.67 -1.70
CA ALA E 8 6.85 -5.82 -0.76
C ALA E 8 6.08 -4.73 -1.50
N ILE E 9 6.73 -4.11 -2.47
CA ILE E 9 6.12 -3.06 -3.27
C ILE E 9 4.95 -3.60 -4.10
N SER E 10 5.13 -4.76 -4.71
CA SER E 10 4.07 -5.33 -5.54
C SER E 10 2.84 -5.69 -4.69
N ASP E 11 3.06 -6.06 -3.44
CA ASP E 11 1.93 -6.39 -2.56
C ASP E 11 1.19 -5.11 -2.20
N ILE E 12 1.94 -4.03 -1.96
CA ILE E 12 1.32 -2.76 -1.61
C ILE E 12 0.51 -2.27 -2.81
N SER E 13 1.04 -2.48 -4.01
CA SER E 13 0.35 -2.05 -5.22
C SER E 13 -1.00 -2.73 -5.35
N LEU E 14 -1.06 -3.99 -4.97
CA LEU E 14 -2.32 -4.73 -5.04
C LEU E 14 -3.32 -4.10 -4.09
N GLU E 15 -2.84 -3.70 -2.92
CA GLU E 15 -3.70 -3.07 -1.91
C GLU E 15 -4.13 -1.68 -2.39
N VAL E 16 -3.23 -0.96 -3.04
CA VAL E 16 -3.56 0.37 -3.52
C VAL E 16 -4.65 0.25 -4.60
N ASP E 17 -4.58 -0.80 -5.42
CA ASP E 17 -5.58 -0.99 -6.45
C ASP E 17 -6.95 -1.13 -5.78
N ARG E 18 -7.00 -1.91 -4.70
CA ARG E 18 -8.24 -2.11 -3.96
C ARG E 18 -8.77 -0.78 -3.44
N LEU E 19 -7.90 0.00 -2.81
CA LEU E 19 -8.32 1.28 -2.28
C LEU E 19 -8.69 2.26 -3.40
N GLY E 20 -8.03 2.13 -4.54
CA GLY E 20 -8.34 2.99 -5.66
C GLY E 20 -9.77 2.77 -6.11
N GLY E 21 -10.21 1.51 -6.05
CA GLY E 21 -11.57 1.19 -6.45
C GLY E 21 -12.56 1.89 -5.54
N ARG E 22 -12.21 2.00 -4.25
CA ARG E 22 -13.08 2.67 -3.30
C ARG E 22 -13.07 4.16 -3.55
N VAL E 23 -11.93 4.68 -4.01
CA VAL E 23 -11.83 6.10 -4.31
C VAL E 23 -12.71 6.39 -5.53
N SER E 24 -12.60 5.55 -6.56
CA SER E 24 -13.40 5.72 -7.77
C SER E 24 -14.87 5.66 -7.42
N ALA E 25 -15.24 4.72 -6.56
CA ALA E 25 -16.63 4.57 -6.15
C ALA E 25 -17.13 5.85 -5.49
N PHE E 26 -16.28 6.52 -4.73
CA PHE E 26 -16.66 7.77 -4.07
C PHE E 26 -16.88 8.88 -5.09
N GLU E 27 -16.05 8.89 -6.13
CA GLU E 27 -16.18 9.89 -7.18
C GLU E 27 -17.49 9.67 -7.93
N MET E 28 -17.83 8.41 -8.17
CA MET E 28 -19.06 8.05 -8.87
C MET E 28 -20.27 8.57 -8.10
N VAL E 29 -20.31 8.30 -6.80
CA VAL E 29 -21.41 8.75 -5.96
C VAL E 29 -21.51 10.27 -6.04
N THR E 30 -20.37 10.94 -5.92
CA THR E 30 -20.32 12.41 -5.97
C THR E 30 -20.80 12.91 -7.33
N LYS E 31 -20.52 12.16 -8.39
CA LYS E 31 -20.94 12.55 -9.72
C LYS E 31 -22.45 12.44 -9.84
N LYS E 32 -23.01 11.34 -9.35
CA LYS E 32 -24.44 11.12 -9.41
C LYS E 32 -25.21 11.92 -8.36
N GLY E 33 -24.49 12.76 -7.62
CA GLY E 33 -25.14 13.58 -6.62
C GLY E 33 -25.56 12.85 -5.35
N GLY E 34 -24.91 11.74 -5.06
CA GLY E 34 -25.25 11.00 -3.86
C GLY E 34 -24.57 11.63 -2.66
N LYS E 35 -24.92 11.18 -1.47
CA LYS E 35 -24.32 11.73 -0.26
C LYS E 35 -23.31 10.73 0.31
N ILE E 36 -22.12 11.24 0.62
CA ILE E 36 -21.06 10.38 1.17
C ILE E 36 -20.87 10.73 2.65
N ALA E 37 -20.82 9.70 3.48
CA ALA E 37 -20.61 9.91 4.92
C ALA E 37 -19.15 10.24 5.13
N GLU E 38 -18.90 11.38 5.77
CA GLU E 38 -17.53 11.84 6.03
C GLU E 38 -16.68 10.77 6.70
N LYS E 39 -17.30 9.95 7.54
CA LYS E 39 -16.60 8.90 8.26
C LYS E 39 -15.96 7.90 7.30
N ASP E 40 -16.66 7.59 6.21
CA ASP E 40 -16.13 6.63 5.24
C ASP E 40 -14.95 7.22 4.46
N LEU E 41 -14.98 8.53 4.22
CA LEU E 41 -13.87 9.17 3.51
C LEU E 41 -12.65 9.09 4.41
N VAL E 42 -12.84 9.41 5.68
CA VAL E 42 -11.75 9.37 6.66
C VAL E 42 -11.13 7.97 6.73
N THR E 43 -11.99 6.95 6.78
CA THR E 43 -11.55 5.55 6.85
C THR E 43 -10.62 5.16 5.69
N VAL E 44 -10.98 5.55 4.48
CA VAL E 44 -10.17 5.22 3.31
C VAL E 44 -8.90 6.06 3.28
N ILE E 45 -8.99 7.31 3.73
CA ILE E 45 -7.79 8.15 3.76
C ILE E 45 -6.78 7.54 4.73
N GLU E 46 -7.27 7.10 5.88
CA GLU E 46 -6.41 6.47 6.88
C GLU E 46 -5.78 5.18 6.34
N LEU E 47 -6.55 4.40 5.59
CA LEU E 47 -6.03 3.17 5.02
C LEU E 47 -4.95 3.49 3.99
N LEU E 48 -5.16 4.57 3.25
CA LEU E 48 -4.17 4.98 2.25
C LEU E 48 -2.89 5.46 2.94
N MET E 49 -3.05 6.19 4.05
CA MET E 49 -1.90 6.69 4.79
C MET E 49 -1.05 5.52 5.30
N ASN E 50 -1.71 4.42 5.66
CA ASN E 50 -0.98 3.26 6.13
C ASN E 50 -0.10 2.71 5.01
N GLU E 51 -0.60 2.75 3.77
CA GLU E 51 0.17 2.27 2.64
C GLU E 51 1.34 3.21 2.41
N LEU E 52 1.10 4.51 2.54
CA LEU E 52 2.15 5.52 2.37
C LEU E 52 3.29 5.26 3.37
N ILE E 53 2.92 4.95 4.62
CA ILE E 53 3.92 4.67 5.65
C ILE E 53 4.77 3.46 5.26
N LYS E 54 4.11 2.40 4.80
CA LYS E 54 4.80 1.20 4.39
C LYS E 54 5.77 1.47 3.23
N LEU E 55 5.31 2.27 2.26
CA LEU E 55 6.16 2.60 1.13
C LEU E 55 7.35 3.46 1.55
N ASP E 56 7.11 4.36 2.49
CA ASP E 56 8.16 5.25 2.97
C ASP E 56 9.29 4.49 3.67
N ALA E 57 8.98 3.33 4.24
CA ALA E 57 9.99 2.55 4.95
C ALA E 57 10.83 1.68 4.03
N ILE E 58 10.42 1.60 2.76
CA ILE E 58 11.13 0.78 1.79
C ILE E 58 12.14 1.54 0.92
N VAL E 59 13.29 0.92 0.69
CA VAL E 59 14.32 1.48 -0.16
C VAL E 59 14.63 0.38 -1.17
N ALA E 60 14.79 0.75 -2.43
CA ALA E 60 15.05 -0.21 -3.49
C ALA E 60 16.02 0.35 -4.54
N GLU E 61 16.19 -0.39 -5.63
CA GLU E 61 17.09 0.01 -6.71
C GLU E 61 16.46 -0.20 -8.09
N GLY E 62 16.93 0.58 -9.07
CA GLY E 62 16.45 0.47 -10.44
C GLY E 62 14.96 0.42 -10.69
N ASP E 63 14.53 -0.54 -11.50
CA ASP E 63 13.13 -0.72 -11.85
C ASP E 63 12.23 -0.74 -10.61
N VAL E 64 12.73 -1.36 -9.54
CA VAL E 64 11.94 -1.45 -8.31
C VAL E 64 11.82 -0.10 -7.61
N LYS E 65 12.85 0.72 -7.73
CA LYS E 65 12.83 2.04 -7.12
C LYS E 65 11.76 2.86 -7.82
N LEU E 66 11.63 2.68 -9.14
CA LEU E 66 10.65 3.41 -9.93
C LEU E 66 9.24 3.01 -9.51
N GLN E 67 9.04 1.71 -9.31
CA GLN E 67 7.75 1.20 -8.91
C GLN E 67 7.32 1.73 -7.56
N ARG E 68 8.28 1.84 -6.64
CA ARG E 68 7.98 2.37 -5.30
C ARG E 68 7.52 3.81 -5.42
N LYS E 69 8.29 4.61 -6.18
CA LYS E 69 7.95 6.02 -6.37
C LYS E 69 6.59 6.19 -7.04
N MET E 70 6.25 5.30 -7.97
CA MET E 70 4.97 5.39 -8.65
C MET E 70 3.81 5.09 -7.68
N GLN E 71 3.99 4.09 -6.82
CA GLN E 71 2.94 3.76 -5.86
C GLN E 71 2.74 4.89 -4.85
N VAL E 72 3.83 5.56 -4.48
CA VAL E 72 3.74 6.69 -3.55
C VAL E 72 2.94 7.81 -4.20
N LYS E 73 3.20 8.08 -5.48
CA LYS E 73 2.47 9.13 -6.17
C LYS E 73 0.99 8.77 -6.28
N ARG E 74 0.73 7.50 -6.55
CA ARG E 74 -0.66 7.04 -6.67
C ARG E 74 -1.42 7.30 -5.38
N VAL E 75 -0.83 6.91 -4.25
CA VAL E 75 -1.44 7.09 -2.95
C VAL E 75 -1.62 8.57 -2.63
N GLN E 76 -0.63 9.39 -2.95
CA GLN E 76 -0.76 10.82 -2.70
C GLN E 76 -1.91 11.39 -3.52
N ASN E 77 -2.05 10.93 -4.76
CA ASN E 77 -3.12 11.41 -5.63
C ASN E 77 -4.49 11.02 -5.07
N TYR E 78 -4.60 9.79 -4.60
CA TYR E 78 -5.87 9.32 -4.04
C TYR E 78 -6.25 10.11 -2.80
N VAL E 79 -5.28 10.38 -1.92
CA VAL E 79 -5.57 11.13 -0.71
C VAL E 79 -6.01 12.54 -1.08
N GLU E 80 -5.35 13.15 -2.07
CA GLU E 80 -5.71 14.48 -2.50
C GLU E 80 -7.17 14.49 -3.00
N THR E 81 -7.53 13.45 -3.75
CA THR E 81 -8.89 13.35 -4.28
C THR E 81 -9.94 13.29 -3.17
N LEU E 82 -9.72 12.41 -2.19
CA LEU E 82 -10.66 12.27 -1.09
C LEU E 82 -10.70 13.50 -0.19
N ASP E 83 -9.54 14.11 0.04
CA ASP E 83 -9.47 15.33 0.86
C ASP E 83 -10.40 16.37 0.26
N ALA E 84 -10.40 16.44 -1.08
CA ALA E 84 -11.22 17.40 -1.82
C ALA E 84 -12.72 17.11 -1.76
N LEU E 85 -13.08 15.87 -1.45
CA LEU E 85 -14.50 15.51 -1.38
C LEU E 85 -15.10 15.80 0.00
N LYS E 86 -14.23 16.12 0.96
CA LYS E 86 -14.68 16.42 2.31
C LYS E 86 -15.50 17.70 2.28
N VAL E 87 -16.70 17.66 2.85
CA VAL E 87 -17.59 18.82 2.89
C VAL E 87 -16.80 20.09 3.17
N SER F 4 -2.55 -22.88 -6.85
CA SER F 4 -3.91 -22.80 -6.26
C SER F 4 -4.95 -22.33 -7.27
N ALA F 5 -5.97 -23.14 -7.50
CA ALA F 5 -7.02 -22.80 -8.44
C ALA F 5 -7.73 -21.51 -8.03
N SER F 6 -8.06 -21.40 -6.76
CA SER F 6 -8.76 -20.22 -6.24
C SER F 6 -7.92 -18.95 -6.44
N LYS F 7 -6.61 -19.07 -6.26
CA LYS F 7 -5.72 -17.94 -6.44
C LYS F 7 -5.59 -17.64 -7.93
N ALA F 8 -5.58 -18.68 -8.75
CA ALA F 8 -5.47 -18.50 -10.19
C ALA F 8 -6.68 -17.72 -10.69
N ILE F 9 -7.86 -18.07 -10.17
CA ILE F 9 -9.10 -17.40 -10.55
C ILE F 9 -9.14 -15.95 -10.08
N SER F 10 -8.59 -15.69 -8.89
CA SER F 10 -8.58 -14.34 -8.36
C SER F 10 -7.73 -13.42 -9.23
N ASP F 11 -6.59 -13.93 -9.69
CA ASP F 11 -5.71 -13.14 -10.55
C ASP F 11 -6.42 -12.83 -11.87
N ILE F 12 -7.13 -13.82 -12.41
CA ILE F 12 -7.85 -13.58 -13.66
C ILE F 12 -8.91 -12.51 -13.41
N SER F 13 -9.53 -12.55 -12.24
CA SER F 13 -10.56 -11.57 -11.89
C SER F 13 -9.99 -10.17 -11.91
N LEU F 14 -8.71 -10.04 -11.54
CA LEU F 14 -8.04 -8.75 -11.54
C LEU F 14 -7.84 -8.28 -12.97
N GLU F 15 -7.46 -9.21 -13.86
CA GLU F 15 -7.27 -8.88 -15.26
C GLU F 15 -8.60 -8.46 -15.87
N VAL F 16 -9.66 -9.16 -15.48
CA VAL F 16 -11.00 -8.83 -15.99
C VAL F 16 -11.42 -7.44 -15.49
N ASP F 17 -10.97 -7.08 -14.28
CA ASP F 17 -11.29 -5.76 -13.74
C ASP F 17 -10.70 -4.71 -14.68
N ARG F 18 -9.41 -4.84 -14.95
CA ARG F 18 -8.70 -3.92 -15.85
C ARG F 18 -9.46 -3.82 -17.17
N LEU F 19 -9.74 -4.96 -17.79
CA LEU F 19 -10.45 -4.97 -19.07
C LEU F 19 -11.84 -4.37 -18.96
N GLY F 20 -12.52 -4.66 -17.85
CA GLY F 20 -13.86 -4.13 -17.64
C GLY F 20 -13.82 -2.62 -17.56
N GLY F 21 -12.62 -2.07 -17.36
CA GLY F 21 -12.46 -0.63 -17.30
C GLY F 21 -12.58 -0.03 -18.69
N ARG F 22 -12.08 -0.76 -19.68
CA ARG F 22 -12.14 -0.30 -21.07
C ARG F 22 -13.60 -0.32 -21.51
N VAL F 23 -14.30 -1.39 -21.14
CA VAL F 23 -15.70 -1.50 -21.48
C VAL F 23 -16.41 -0.23 -21.01
N SER F 24 -16.19 0.16 -19.76
CA SER F 24 -16.80 1.36 -19.20
C SER F 24 -16.33 2.62 -19.92
N ALA F 25 -15.04 2.70 -20.20
CA ALA F 25 -14.47 3.84 -20.89
C ALA F 25 -15.13 4.03 -22.26
N PHE F 26 -15.22 2.94 -23.01
CA PHE F 26 -15.83 3.00 -24.34
C PHE F 26 -17.28 3.43 -24.18
N GLU F 27 -17.95 2.95 -23.15
CA GLU F 27 -19.34 3.32 -22.91
C GLU F 27 -19.44 4.83 -22.68
N MET F 28 -18.49 5.41 -21.95
CA MET F 28 -18.52 6.85 -21.68
C MET F 28 -18.26 7.67 -22.94
N VAL F 29 -17.29 7.25 -23.74
CA VAL F 29 -16.98 7.95 -24.98
C VAL F 29 -18.23 7.97 -25.84
N THR F 30 -18.87 6.81 -25.92
CA THR F 30 -20.10 6.65 -26.69
C THR F 30 -21.22 7.51 -26.11
N LYS F 31 -21.35 7.51 -24.80
CA LYS F 31 -22.38 8.32 -24.15
C LYS F 31 -22.16 9.81 -24.43
N LYS F 32 -20.90 10.20 -24.60
CA LYS F 32 -20.58 11.60 -24.85
C LYS F 32 -20.60 11.97 -26.33
N GLY F 33 -21.15 11.08 -27.15
CA GLY F 33 -21.26 11.34 -28.58
C GLY F 33 -20.04 11.01 -29.42
N GLY F 34 -19.06 10.36 -28.83
CA GLY F 34 -17.88 10.00 -29.58
C GLY F 34 -18.09 8.69 -30.32
N LYS F 35 -17.10 8.27 -31.10
CA LYS F 35 -17.21 7.02 -31.85
C LYS F 35 -15.97 6.16 -31.64
N ILE F 36 -16.18 4.94 -31.15
CA ILE F 36 -15.09 4.02 -30.91
C ILE F 36 -14.85 3.21 -32.17
N ALA F 37 -13.61 3.19 -32.64
CA ALA F 37 -13.27 2.44 -33.85
C ALA F 37 -13.56 0.96 -33.67
N GLU F 38 -14.14 0.33 -34.70
CA GLU F 38 -14.46 -1.09 -34.65
C GLU F 38 -13.22 -1.88 -34.24
N LYS F 39 -12.08 -1.48 -34.79
CA LYS F 39 -10.81 -2.13 -34.52
C LYS F 39 -10.53 -2.18 -33.02
N ASP F 40 -10.81 -1.07 -32.34
CA ASP F 40 -10.59 -0.96 -30.91
C ASP F 40 -11.46 -1.91 -30.09
N LEU F 41 -12.71 -2.09 -30.54
CA LEU F 41 -13.62 -2.98 -29.84
C LEU F 41 -13.17 -4.42 -30.01
N VAL F 42 -12.80 -4.79 -31.23
CA VAL F 42 -12.35 -6.15 -31.51
C VAL F 42 -11.13 -6.50 -30.65
N THR F 43 -10.19 -5.56 -30.52
CA THR F 43 -9.00 -5.80 -29.71
C THR F 43 -9.30 -6.19 -28.27
N VAL F 44 -10.15 -5.43 -27.60
CA VAL F 44 -10.50 -5.72 -26.21
C VAL F 44 -11.31 -7.03 -26.11
N ILE F 45 -12.17 -7.27 -27.09
CA ILE F 45 -12.97 -8.50 -27.07
C ILE F 45 -12.02 -9.71 -27.09
N GLU F 46 -10.99 -9.63 -27.93
CA GLU F 46 -10.03 -10.72 -28.05
C GLU F 46 -9.24 -10.91 -26.77
N LEU F 47 -8.93 -9.82 -26.08
CA LEU F 47 -8.20 -9.91 -24.82
C LEU F 47 -9.08 -10.60 -23.80
N LEU F 48 -10.36 -10.28 -23.83
CA LEU F 48 -11.32 -10.89 -22.91
C LEU F 48 -11.45 -12.38 -23.21
N MET F 49 -11.44 -12.75 -24.49
CA MET F 49 -11.57 -14.15 -24.85
C MET F 49 -10.39 -14.96 -24.31
N ASN F 50 -9.20 -14.38 -24.38
CA ASN F 50 -8.01 -15.08 -23.89
C ASN F 50 -8.12 -15.36 -22.39
N GLU F 51 -8.86 -14.53 -21.67
CA GLU F 51 -9.05 -14.74 -20.24
C GLU F 51 -10.02 -15.87 -20.01
N LEU F 52 -10.99 -15.98 -20.92
CA LEU F 52 -11.99 -17.03 -20.84
C LEU F 52 -11.26 -18.38 -21.02
N ILE F 53 -10.29 -18.39 -21.92
CA ILE F 53 -9.52 -19.61 -22.18
C ILE F 53 -8.78 -20.01 -20.90
N LYS F 54 -8.14 -19.06 -20.26
CA LYS F 54 -7.42 -19.34 -19.02
C LYS F 54 -8.36 -19.89 -17.95
N LEU F 55 -9.54 -19.28 -17.83
CA LEU F 55 -10.53 -19.72 -16.84
C LEU F 55 -11.02 -21.13 -17.08
N ASP F 56 -11.17 -21.52 -18.34
CA ASP F 56 -11.67 -22.85 -18.64
C ASP F 56 -10.59 -23.90 -18.47
N ALA F 57 -9.34 -23.46 -18.37
CA ALA F 57 -8.21 -24.37 -18.19
C ALA F 57 -7.97 -24.65 -16.72
N ILE F 58 -8.81 -24.08 -15.86
CA ILE F 58 -8.68 -24.25 -14.42
C ILE F 58 -9.67 -25.25 -13.85
N VAL F 59 -9.15 -26.26 -13.16
CA VAL F 59 -9.98 -27.28 -12.55
C VAL F 59 -10.24 -26.83 -11.12
N ALA F 60 -11.51 -26.76 -10.74
CA ALA F 60 -11.85 -26.33 -9.39
C ALA F 60 -12.96 -27.18 -8.79
N GLU F 61 -12.98 -27.26 -7.46
CA GLU F 61 -13.99 -28.02 -6.75
C GLU F 61 -14.50 -27.18 -5.59
N GLY F 62 -15.48 -27.73 -4.86
CA GLY F 62 -16.04 -27.01 -3.74
C GLY F 62 -16.55 -25.64 -4.11
N ASP F 63 -16.32 -24.67 -3.22
CA ASP F 63 -16.76 -23.31 -3.45
C ASP F 63 -15.91 -22.55 -4.48
N VAL F 64 -14.86 -23.21 -4.97
CA VAL F 64 -14.00 -22.59 -5.96
C VAL F 64 -14.61 -22.72 -7.35
N LYS F 65 -15.55 -23.65 -7.50
CA LYS F 65 -16.22 -23.86 -8.77
C LYS F 65 -17.15 -22.67 -9.02
N LEU F 66 -17.81 -22.23 -7.97
CA LEU F 66 -18.73 -21.09 -8.05
C LEU F 66 -17.95 -19.83 -8.44
N GLN F 67 -16.79 -19.67 -7.82
CA GLN F 67 -15.91 -18.52 -8.05
C GLN F 67 -15.51 -18.45 -9.53
N ARG F 68 -15.14 -19.58 -10.08
CA ARG F 68 -14.74 -19.65 -11.48
C ARG F 68 -15.92 -19.34 -12.40
N LYS F 69 -17.05 -19.97 -12.14
CA LYS F 69 -18.25 -19.76 -12.96
C LYS F 69 -18.66 -18.29 -12.97
N MET F 70 -18.43 -17.59 -11.87
CA MET F 70 -18.81 -16.19 -11.78
C MET F 70 -17.98 -15.32 -12.72
N GLN F 71 -16.69 -15.64 -12.88
CA GLN F 71 -15.86 -14.84 -13.77
C GLN F 71 -16.19 -15.13 -15.22
N VAL F 72 -16.48 -16.39 -15.52
CA VAL F 72 -16.86 -16.73 -16.87
C VAL F 72 -18.06 -15.87 -17.21
N LYS F 73 -19.00 -15.80 -16.27
CA LYS F 73 -20.22 -15.01 -16.45
C LYS F 73 -19.94 -13.53 -16.61
N ARG F 74 -18.98 -13.02 -15.83
CA ARG F 74 -18.64 -11.61 -15.92
C ARG F 74 -18.08 -11.31 -17.31
N VAL F 75 -17.16 -12.15 -17.77
CA VAL F 75 -16.56 -11.96 -19.09
C VAL F 75 -17.63 -12.01 -20.16
N GLN F 76 -18.53 -12.99 -20.06
CA GLN F 76 -19.61 -13.11 -21.01
C GLN F 76 -20.36 -11.78 -21.08
N ASN F 77 -20.61 -11.18 -19.93
CA ASN F 77 -21.32 -9.89 -19.87
C ASN F 77 -20.55 -8.74 -20.53
N TYR F 78 -19.25 -8.64 -20.29
CA TYR F 78 -18.47 -7.57 -20.89
C TYR F 78 -18.38 -7.73 -22.40
N VAL F 79 -18.06 -8.94 -22.85
CA VAL F 79 -17.97 -9.19 -24.28
C VAL F 79 -19.26 -8.76 -24.94
N GLU F 80 -20.39 -9.12 -24.33
CA GLU F 80 -21.69 -8.75 -24.89
C GLU F 80 -21.86 -7.23 -24.97
N THR F 81 -21.33 -6.52 -23.98
CA THR F 81 -21.42 -5.07 -23.94
C THR F 81 -20.62 -4.45 -25.08
N LEU F 82 -19.44 -5.00 -25.33
CA LEU F 82 -18.59 -4.53 -26.42
C LEU F 82 -19.22 -4.84 -27.76
N ASP F 83 -19.81 -6.03 -27.89
CA ASP F 83 -20.47 -6.40 -29.14
C ASP F 83 -21.60 -5.44 -29.46
N ALA F 84 -22.38 -5.10 -28.44
CA ALA F 84 -23.51 -4.20 -28.60
C ALA F 84 -23.07 -2.80 -29.03
N LEU F 85 -21.80 -2.48 -28.78
CA LEU F 85 -21.27 -1.17 -29.16
C LEU F 85 -20.89 -1.11 -30.63
N LYS F 86 -20.74 -2.28 -31.25
CA LYS F 86 -20.38 -2.35 -32.66
C LYS F 86 -21.46 -1.74 -33.54
N VAL F 87 -21.05 -1.15 -34.65
CA VAL F 87 -22.01 -0.57 -35.58
C VAL F 87 -22.93 -1.67 -36.06
CL CL G . -37.06 -7.48 15.98
CL CL H . 13.85 3.62 -3.03
#